data_7MMZ
#
_entry.id   7MMZ
#
_cell.length_a   74.930
_cell.length_b   74.930
_cell.length_c   228.790
_cell.angle_alpha   90.000
_cell.angle_beta   90.000
_cell.angle_gamma   90.000
#
_symmetry.space_group_name_H-M   'P 41 21 2'
#
loop_
_entity.id
_entity.type
_entity.pdbx_description
1 polymer 'Acetyl-coenzyme A synthetase'
2 non-polymer "5'-O-[(S)-ethoxy(hydroxy)phosphoryl]adenosine"
3 non-polymer 1,2-ETHANEDIOL
4 water water
#
_entity_poly.entity_id   1
_entity_poly.type   'polypeptide(L)'
_entity_poly.pdbx_seq_one_letter_code
;MAHHHHHHMLPVHLKHPHLTATEEYLSEFWSEIAAQTIDWIQPWSITLQGGLHKGDVKWFQGGLLNVSANCLDRHLPHKA
NQTAIIWEGDDENQNKTLTFAQLYSEVCKMSNVLKSLNVRRGDTVGIYLPMIPEAAIAMLACARIGAIHTVVFAGFSAHA
LQQRLIASSCKCLITADAFQRGGKTIPLKKQADEASVDLNITKLVVKNSNAPTALNKNKEHWWHELKQTVSDQCTPEPMN
TEDPLFILYTSGSTGQPKGVVHTTGGYLVQAAYTHQLIFACQDNEVFWCTADVGWITGHSYVVYGPLCNGITTLMFEGIP
TWPDAARNWRIIDKHQVNVFYTAPTAIRSLMRAGDQWLNSSSRSSLRLLGSVGEPINPEAWNWYHQKVGQGKCPIVDTWW
QTETGAIMISPRASDEVIKPGSARKPIPGIVPLLLNEQGHEINGAGEGLLAIKYPWPSMARTIAGDHQRYCNTYLSNGYY
ITGDGAKRDEDGDYWITGRIDDVLNVSGHRLGTAEIESALVSHPKVAEAGVVGIPHDLKGQAIFAYVILKQGNKPDAELQ
TELMERVKDQISAIAKPDVIQFANDLPKTRSGKIMRRILRKIACKEVSHIDELGDLTTLANPQIVEELMKNILKR
;
_entity_poly.pdbx_strand_id   A
#
# COMPACT_ATOMS: atom_id res chain seq x y z
N THR A 20 25.43 15.89 -8.30
CA THR A 20 25.85 16.81 -9.35
C THR A 20 26.38 16.05 -10.57
N ALA A 21 27.67 15.69 -10.54
CA ALA A 21 28.12 14.60 -11.41
C ALA A 21 27.43 13.31 -11.02
N THR A 22 27.32 13.05 -9.72
CA THR A 22 26.52 11.94 -9.25
C THR A 22 25.08 12.05 -9.73
N GLU A 23 24.54 13.27 -9.78
CA GLU A 23 23.14 13.44 -10.18
C GLU A 23 22.96 13.21 -11.69
N GLU A 24 23.98 13.56 -12.50
CA GLU A 24 23.93 13.20 -13.91
C GLU A 24 23.91 11.69 -14.10
N TYR A 25 24.73 10.96 -13.32
CA TYR A 25 24.69 9.50 -13.36
C TYR A 25 23.31 8.96 -13.03
N LEU A 26 22.68 9.49 -11.98
CA LEU A 26 21.35 9.02 -11.57
C LEU A 26 20.28 9.41 -12.59
N SER A 27 20.32 10.65 -13.05
CA SER A 27 19.47 11.08 -14.16
C SER A 27 19.54 10.10 -15.33
N GLU A 28 20.76 9.87 -15.85
CA GLU A 28 20.91 8.99 -17.01
C GLU A 28 20.54 7.55 -16.69
N PHE A 29 20.76 7.09 -15.45
CA PHE A 29 20.36 5.73 -15.11
C PHE A 29 18.84 5.60 -15.16
N TRP A 30 18.13 6.52 -14.50
CA TRP A 30 16.68 6.44 -14.44
C TRP A 30 16.03 6.75 -15.77
N SER A 31 16.62 7.68 -16.53
CA SER A 31 16.16 7.93 -17.89
C SER A 31 16.19 6.66 -18.73
N GLU A 32 17.23 5.85 -18.55
CA GLU A 32 17.34 4.61 -19.30
C GLU A 32 16.31 3.60 -18.83
N ILE A 33 16.01 3.61 -17.53
CA ILE A 33 15.00 2.69 -17.01
C ILE A 33 13.61 3.10 -17.50
N ALA A 34 13.32 4.40 -17.52
CA ALA A 34 12.00 4.85 -17.98
C ALA A 34 11.75 4.48 -19.42
N ALA A 35 12.76 4.62 -20.28
CA ALA A 35 12.56 4.31 -21.69
C ALA A 35 12.39 2.81 -21.92
N GLN A 36 12.96 1.99 -21.04
CA GLN A 36 12.84 0.54 -21.16
C GLN A 36 11.57 -0.03 -20.50
N THR A 37 11.12 0.59 -19.40
CA THR A 37 10.11 -0.02 -18.54
C THR A 37 8.70 0.25 -19.00
N ILE A 38 8.40 1.46 -19.46
CA ILE A 38 7.02 1.84 -19.73
C ILE A 38 6.91 2.47 -21.10
N ASP A 39 5.71 2.38 -21.67
CA ASP A 39 5.40 3.05 -22.93
C ASP A 39 5.08 4.52 -22.69
N TRP A 40 5.61 5.38 -23.55
CA TRP A 40 5.40 6.81 -23.45
C TRP A 40 4.53 7.29 -24.61
N ILE A 41 3.46 8.02 -24.27
CA ILE A 41 2.66 8.72 -25.28
C ILE A 41 3.50 9.79 -25.97
N GLN A 42 4.34 10.48 -25.19
CA GLN A 42 5.21 11.51 -25.71
C GLN A 42 6.48 11.44 -24.87
N PRO A 43 7.66 11.45 -25.49
CA PRO A 43 8.90 11.44 -24.71
C PRO A 43 9.08 12.74 -23.95
N TRP A 44 9.95 12.70 -22.95
CA TRP A 44 10.20 13.81 -22.04
C TRP A 44 11.42 14.60 -22.48
N SER A 45 11.57 15.79 -21.89
CA SER A 45 12.61 16.72 -22.31
C SER A 45 13.67 16.98 -21.24
N ILE A 46 13.32 16.91 -19.95
CA ILE A 46 14.27 17.05 -18.85
C ILE A 46 14.05 15.87 -17.91
N THR A 47 15.06 15.00 -17.78
CA THR A 47 14.90 13.80 -16.96
C THR A 47 14.71 14.15 -15.49
N LEU A 48 15.66 14.91 -14.94
CA LEU A 48 15.65 15.26 -13.53
C LEU A 48 15.79 16.76 -13.37
N GLN A 49 15.04 17.32 -12.44
CA GLN A 49 15.06 18.75 -12.16
C GLN A 49 14.72 18.97 -10.69
N GLY A 50 15.26 20.05 -10.12
CA GLY A 50 15.06 20.32 -8.71
C GLY A 50 15.78 19.31 -7.85
N GLY A 51 15.49 19.37 -6.56
CA GLY A 51 16.18 18.49 -5.64
C GLY A 51 15.61 18.56 -4.25
N LEU A 52 16.38 18.01 -3.31
CA LEU A 52 15.96 17.85 -1.92
C LEU A 52 16.22 19.08 -1.06
N HIS A 53 17.05 20.01 -1.52
CA HIS A 53 17.23 21.24 -0.77
C HIS A 53 15.96 22.08 -0.77
N LYS A 54 15.25 22.12 -1.89
CA LYS A 54 14.03 22.91 -2.00
C LYS A 54 12.77 22.07 -2.06
N GLY A 55 12.87 20.78 -2.32
CA GLY A 55 11.67 19.98 -2.51
C GLY A 55 10.87 20.38 -3.73
N ASP A 56 11.54 20.57 -4.87
CA ASP A 56 10.90 20.90 -6.13
C ASP A 56 11.25 19.87 -7.19
N VAL A 57 11.35 18.61 -6.77
CA VAL A 57 11.82 17.54 -7.64
C VAL A 57 10.82 17.30 -8.76
N LYS A 58 11.32 17.23 -9.99
CA LYS A 58 10.51 16.90 -11.15
C LYS A 58 11.23 15.85 -11.97
N TRP A 59 10.50 14.79 -12.32
CA TRP A 59 11.03 13.68 -13.08
C TRP A 59 10.29 13.59 -14.40
N PHE A 60 11.06 13.48 -15.49
CA PHE A 60 10.51 13.23 -16.83
C PHE A 60 9.58 14.36 -17.28
N GLN A 61 9.99 15.59 -17.00
CA GLN A 61 9.20 16.77 -17.32
C GLN A 61 9.08 16.93 -18.83
N GLY A 62 7.86 17.15 -19.31
CA GLY A 62 7.59 17.18 -20.72
C GLY A 62 7.06 15.89 -21.29
N GLY A 63 7.09 14.80 -20.52
CA GLY A 63 6.60 13.53 -21.02
C GLY A 63 5.11 13.36 -20.82
N LEU A 64 4.50 12.57 -21.69
CA LEU A 64 3.09 12.22 -21.57
C LEU A 64 2.96 10.70 -21.48
N LEU A 65 2.05 10.24 -20.63
CA LEU A 65 1.82 8.80 -20.47
C LEU A 65 0.49 8.58 -19.80
N ASN A 66 0.09 7.32 -19.70
CA ASN A 66 -1.10 6.93 -18.97
C ASN A 66 -0.84 5.60 -18.27
N VAL A 67 -1.17 5.54 -16.98
CA VAL A 67 -0.84 4.37 -16.17
C VAL A 67 -1.61 3.14 -16.64
N SER A 68 -2.91 3.31 -16.90
CA SER A 68 -3.74 2.16 -17.27
C SER A 68 -3.33 1.58 -18.62
N ALA A 69 -2.86 2.44 -19.53
CA ALA A 69 -2.35 1.94 -20.80
C ALA A 69 -1.17 1.01 -20.59
N ASN A 70 -0.28 1.35 -19.65
CA ASN A 70 0.85 0.49 -19.37
C ASN A 70 0.46 -0.80 -18.66
N CYS A 71 -0.67 -0.80 -17.94
CA CYS A 71 -1.11 -1.97 -17.19
C CYS A 71 -2.09 -2.84 -17.96
N LEU A 72 -2.62 -2.36 -19.09
CA LEU A 72 -3.69 -3.04 -19.81
C LEU A 72 -3.48 -2.98 -21.32
N ASP A 73 -3.70 -1.80 -21.89
CA ASP A 73 -3.77 -1.63 -23.34
C ASP A 73 -2.53 -2.18 -24.04
N ARG A 74 -1.33 -1.86 -23.54
CA ARG A 74 -0.11 -2.30 -24.22
C ARG A 74 0.16 -3.79 -24.08
N HIS A 75 -0.60 -4.51 -23.25
CA HIS A 75 -0.45 -5.96 -23.17
C HIS A 75 -1.38 -6.70 -24.12
N LEU A 76 -2.22 -5.99 -24.79
CA LEU A 76 -3.14 -6.56 -25.74
C LEU A 76 -2.58 -6.43 -27.15
N PRO A 77 -2.84 -7.40 -28.03
CA PRO A 77 -3.63 -8.59 -27.69
C PRO A 77 -2.82 -9.86 -27.41
N HIS A 78 -1.49 -9.76 -27.36
CA HIS A 78 -0.66 -10.95 -27.18
C HIS A 78 -0.92 -11.63 -25.84
N LYS A 79 -1.14 -10.84 -24.78
CA LYS A 79 -1.46 -11.38 -23.47
C LYS A 79 -2.95 -11.22 -23.13
N ALA A 80 -3.79 -11.01 -24.14
CA ALA A 80 -5.21 -10.75 -23.92
C ALA A 80 -5.87 -11.87 -23.12
N ASN A 81 -5.46 -13.12 -23.37
CA ASN A 81 -6.06 -14.27 -22.69
C ASN A 81 -5.23 -14.77 -21.51
N GLN A 82 -4.14 -14.10 -21.18
CA GLN A 82 -3.44 -14.41 -19.96
C GLN A 82 -4.23 -13.87 -18.77
N THR A 83 -4.32 -14.67 -17.71
CA THR A 83 -4.96 -14.21 -16.48
C THR A 83 -4.19 -13.03 -15.91
N ALA A 84 -4.88 -11.90 -15.71
CA ALA A 84 -4.27 -10.72 -15.09
C ALA A 84 -4.46 -10.69 -13.57
N ILE A 85 -5.64 -11.07 -13.09
CA ILE A 85 -5.95 -11.06 -11.67
C ILE A 85 -6.59 -12.38 -11.31
N ILE A 86 -6.02 -13.06 -10.33
CA ILE A 86 -6.66 -14.20 -9.69
C ILE A 86 -7.28 -13.70 -8.41
N TRP A 87 -8.57 -13.99 -8.21
CA TRP A 87 -9.25 -13.57 -6.99
C TRP A 87 -9.69 -14.80 -6.23
N GLU A 88 -9.46 -14.79 -4.93
CA GLU A 88 -9.85 -15.86 -4.03
C GLU A 88 -10.72 -15.22 -2.95
N GLY A 89 -11.88 -15.80 -2.71
CA GLY A 89 -12.76 -15.26 -1.70
C GLY A 89 -12.44 -15.73 -0.30
N ASP A 90 -12.88 -14.94 0.68
CA ASP A 90 -12.80 -15.36 2.07
C ASP A 90 -13.46 -16.72 2.27
N ASP A 91 -14.62 -16.91 1.63
CA ASP A 91 -15.20 -18.24 1.47
C ASP A 91 -14.43 -18.98 0.38
N GLU A 92 -13.82 -20.10 0.74
CA GLU A 92 -12.93 -20.83 -0.16
C GLU A 92 -13.61 -21.26 -1.47
N ASN A 93 -14.94 -21.39 -1.48
CA ASN A 93 -15.63 -21.78 -2.70
C ASN A 93 -15.81 -20.64 -3.69
N GLN A 94 -15.35 -19.44 -3.36
CA GLN A 94 -15.54 -18.26 -4.21
C GLN A 94 -14.23 -17.93 -4.92
N ASN A 95 -14.25 -18.01 -6.24
CA ASN A 95 -13.08 -17.77 -7.06
C ASN A 95 -13.48 -16.98 -8.30
N LYS A 96 -12.59 -16.09 -8.74
CA LYS A 96 -12.76 -15.36 -9.97
C LYS A 96 -11.39 -15.14 -10.61
N THR A 97 -11.38 -15.11 -11.94
CA THR A 97 -10.21 -14.68 -12.69
C THR A 97 -10.64 -13.63 -13.70
N LEU A 98 -9.76 -12.68 -13.95
CA LEU A 98 -9.93 -11.71 -15.03
C LEU A 98 -8.69 -11.76 -15.89
N THR A 99 -8.86 -12.07 -17.18
CA THR A 99 -7.77 -11.93 -18.12
C THR A 99 -7.46 -10.45 -18.36
N PHE A 100 -6.37 -10.19 -19.07
CA PHE A 100 -6.04 -8.81 -19.40
C PHE A 100 -7.11 -8.19 -20.28
N ALA A 101 -7.61 -8.94 -21.28
CA ALA A 101 -8.69 -8.41 -22.11
C ALA A 101 -9.94 -8.13 -21.29
N GLN A 102 -10.34 -9.06 -20.43
CA GLN A 102 -11.48 -8.81 -19.55
C GLN A 102 -11.23 -7.59 -18.67
N LEU A 103 -10.06 -7.53 -18.02
CA LEU A 103 -9.78 -6.40 -17.12
C LEU A 103 -9.73 -5.08 -17.89
N TYR A 104 -9.20 -5.11 -19.12
CA TYR A 104 -9.17 -3.90 -19.94
C TYR A 104 -10.58 -3.35 -20.18
N SER A 105 -11.53 -4.24 -20.52
CA SER A 105 -12.88 -3.80 -20.83
C SER A 105 -13.62 -3.33 -19.58
N GLU A 106 -13.39 -3.99 -18.44
CA GLU A 106 -13.99 -3.55 -17.18
C GLU A 106 -13.53 -2.15 -16.81
N VAL A 107 -12.23 -1.87 -16.98
CA VAL A 107 -11.71 -0.55 -16.65
C VAL A 107 -12.24 0.51 -17.61
N CYS A 108 -12.23 0.21 -18.92
CA CYS A 108 -12.79 1.14 -19.89
C CYS A 108 -14.23 1.49 -19.56
N LYS A 109 -15.04 0.48 -19.21
CA LYS A 109 -16.44 0.74 -18.84
C LYS A 109 -16.52 1.61 -17.58
N MET A 110 -15.79 1.26 -16.52
CA MET A 110 -15.90 2.07 -15.30
C MET A 110 -15.31 3.46 -15.47
N SER A 111 -14.38 3.65 -16.41
CA SER A 111 -13.93 4.99 -16.76
C SER A 111 -15.08 5.82 -17.29
N ASN A 112 -15.81 5.26 -18.26
CA ASN A 112 -16.95 5.96 -18.85
C ASN A 112 -18.07 6.17 -17.83
N VAL A 113 -18.23 5.25 -16.88
CA VAL A 113 -19.22 5.44 -15.83
C VAL A 113 -18.83 6.60 -14.94
N LEU A 114 -17.55 6.75 -14.63
CA LEU A 114 -17.13 7.85 -13.77
C LEU A 114 -17.33 9.19 -14.48
N LYS A 115 -17.04 9.23 -15.78
CA LYS A 115 -17.20 10.47 -16.52
C LYS A 115 -18.68 10.82 -16.69
N SER A 116 -19.54 9.81 -16.88
CA SER A 116 -20.97 10.07 -16.88
C SER A 116 -21.49 10.46 -15.50
N LEU A 117 -20.70 10.28 -14.45
CA LEU A 117 -21.06 10.74 -13.12
C LEU A 117 -20.43 12.09 -12.79
N ASN A 118 -19.85 12.78 -13.78
CA ASN A 118 -19.23 14.11 -13.72
C ASN A 118 -17.80 14.10 -13.22
N VAL A 119 -17.20 12.94 -12.97
CA VAL A 119 -15.81 12.89 -12.56
C VAL A 119 -14.93 13.36 -13.71
N ARG A 120 -14.08 14.35 -13.45
CA ARG A 120 -13.23 14.92 -14.48
C ARG A 120 -11.76 14.74 -14.11
N ARG A 121 -10.90 14.96 -15.10
CA ARG A 121 -9.47 14.94 -14.88
C ARG A 121 -9.11 15.88 -13.74
N GLY A 122 -8.30 15.37 -12.80
CA GLY A 122 -7.90 16.15 -11.65
C GLY A 122 -8.86 16.17 -10.48
N ASP A 123 -10.03 15.53 -10.62
CA ASP A 123 -10.90 15.31 -9.48
C ASP A 123 -10.36 14.19 -8.60
N THR A 124 -10.59 14.30 -7.30
CA THR A 124 -10.31 13.25 -6.35
C THR A 124 -11.53 12.32 -6.25
N VAL A 125 -11.27 11.02 -6.29
CA VAL A 125 -12.31 10.01 -6.19
C VAL A 125 -11.99 9.12 -5.00
N GLY A 126 -12.95 8.96 -4.10
CA GLY A 126 -12.75 8.08 -2.95
C GLY A 126 -13.06 6.64 -3.30
N ILE A 127 -12.25 5.73 -2.74
CA ILE A 127 -12.41 4.29 -2.95
C ILE A 127 -12.45 3.61 -1.59
N TYR A 128 -13.57 2.95 -1.29
CA TYR A 128 -13.80 2.26 -0.02
C TYR A 128 -14.27 0.84 -0.41
N LEU A 129 -13.31 -0.02 -0.74
CA LEU A 129 -13.58 -1.33 -1.31
C LEU A 129 -12.78 -2.40 -0.57
N PRO A 130 -13.30 -3.64 -0.49
CA PRO A 130 -12.48 -4.73 0.06
C PRO A 130 -11.59 -5.30 -1.03
N MET A 131 -10.91 -6.41 -0.76
CA MET A 131 -10.02 -7.01 -1.74
C MET A 131 -10.86 -7.86 -2.70
N ILE A 132 -11.49 -7.17 -3.64
CA ILE A 132 -12.23 -7.78 -4.74
C ILE A 132 -11.75 -7.13 -6.03
N PRO A 133 -11.96 -7.78 -7.18
CA PRO A 133 -11.39 -7.24 -8.43
C PRO A 133 -11.77 -5.80 -8.71
N GLU A 134 -12.92 -5.36 -8.20
CA GLU A 134 -13.38 -4.00 -8.47
C GLU A 134 -12.50 -2.94 -7.81
N ALA A 135 -11.69 -3.34 -6.82
CA ALA A 135 -10.74 -2.40 -6.23
C ALA A 135 -9.62 -2.06 -7.20
N ALA A 136 -9.09 -3.06 -7.89
CA ALA A 136 -8.09 -2.81 -8.93
C ALA A 136 -8.69 -2.07 -10.12
N ILE A 137 -9.92 -2.44 -10.50
CA ILE A 137 -10.60 -1.77 -11.61
C ILE A 137 -10.86 -0.29 -11.28
N ALA A 138 -11.30 -0.01 -10.05
CA ALA A 138 -11.57 1.37 -9.66
C ALA A 138 -10.31 2.22 -9.69
N MET A 139 -9.20 1.69 -9.16
CA MET A 139 -7.95 2.43 -9.21
C MET A 139 -7.53 2.67 -10.65
N LEU A 140 -7.52 1.62 -11.46
CA LEU A 140 -7.09 1.77 -12.85
C LEU A 140 -8.02 2.70 -13.62
N ALA A 141 -9.33 2.68 -13.31
CA ALA A 141 -10.26 3.52 -14.06
C ALA A 141 -10.06 4.99 -13.72
N CYS A 142 -9.76 5.30 -12.46
CA CYS A 142 -9.37 6.67 -12.13
C CYS A 142 -8.11 7.05 -12.86
N ALA A 143 -7.12 6.14 -12.90
CA ALA A 143 -5.87 6.45 -13.57
C ALA A 143 -6.06 6.67 -15.06
N ARG A 144 -7.01 5.95 -15.69
CA ARG A 144 -7.23 6.10 -17.12
C ARG A 144 -7.75 7.49 -17.48
N ILE A 145 -8.55 8.10 -16.61
CA ILE A 145 -9.17 9.39 -16.90
C ILE A 145 -8.48 10.55 -16.21
N GLY A 146 -7.39 10.30 -15.49
CA GLY A 146 -6.71 11.40 -14.82
C GLY A 146 -7.35 11.85 -13.53
N ALA A 147 -8.32 11.10 -13.01
CA ALA A 147 -8.77 11.37 -11.67
C ALA A 147 -7.69 10.95 -10.68
N ILE A 148 -7.77 11.52 -9.49
CA ILE A 148 -6.83 11.23 -8.40
C ILE A 148 -7.59 10.35 -7.42
N HIS A 149 -7.30 9.05 -7.37
CA HIS A 149 -8.02 8.23 -6.42
C HIS A 149 -7.37 8.35 -5.04
N THR A 150 -8.20 8.20 -4.01
CA THR A 150 -7.72 8.13 -2.64
C THR A 150 -8.38 6.90 -2.01
N VAL A 151 -7.61 5.81 -1.93
CA VAL A 151 -8.09 4.53 -1.41
C VAL A 151 -8.12 4.61 0.11
N VAL A 152 -9.28 4.34 0.69
CA VAL A 152 -9.42 4.28 2.14
C VAL A 152 -9.62 2.83 2.54
N PHE A 153 -8.67 2.33 3.34
CA PHE A 153 -8.67 0.96 3.81
C PHE A 153 -10.06 0.56 4.32
N ALA A 154 -10.62 -0.50 3.74
CA ALA A 154 -12.00 -0.88 4.04
C ALA A 154 -12.18 -1.36 5.47
N GLY A 155 -11.11 -1.62 6.20
CA GLY A 155 -11.21 -1.85 7.63
C GLY A 155 -11.31 -0.60 8.47
N PHE A 156 -11.22 0.58 7.85
CA PHE A 156 -11.44 1.83 8.56
C PHE A 156 -12.91 1.98 8.92
N SER A 157 -13.16 2.60 10.08
CA SER A 157 -14.53 2.85 10.51
C SER A 157 -15.15 4.00 9.70
N ALA A 158 -16.45 4.21 9.93
CA ALA A 158 -17.17 5.29 9.24
C ALA A 158 -16.56 6.65 9.55
N HIS A 159 -16.20 6.87 10.81
CA HIS A 159 -15.59 8.15 11.18
C HIS A 159 -14.28 8.36 10.43
N ALA A 160 -13.44 7.33 10.39
CA ALA A 160 -12.16 7.44 9.69
C ALA A 160 -12.37 7.67 8.20
N LEU A 161 -13.31 6.96 7.59
CA LEU A 161 -13.64 7.22 6.19
C LEU A 161 -14.11 8.66 6.01
N GLN A 162 -15.07 9.08 6.85
CA GLN A 162 -15.65 10.42 6.75
C GLN A 162 -14.58 11.52 6.80
N GLN A 163 -13.55 11.33 7.64
CA GLN A 163 -12.54 12.37 7.78
C GLN A 163 -11.66 12.46 6.54
N ARG A 164 -11.45 11.33 5.85
CA ARG A 164 -10.69 11.33 4.60
C ARG A 164 -11.50 11.90 3.44
N LEU A 165 -12.84 11.73 3.45
CA LEU A 165 -13.66 12.29 2.38
C LEU A 165 -13.71 13.82 2.48
N ILE A 166 -13.78 14.35 3.71
CA ILE A 166 -13.74 15.81 3.88
C ILE A 166 -12.37 16.35 3.51
N ALA A 167 -11.30 15.70 3.99
CA ALA A 167 -9.96 16.18 3.69
C ALA A 167 -9.66 16.16 2.19
N SER A 168 -10.17 15.14 1.47
CA SER A 168 -9.89 15.06 0.04
C SER A 168 -10.89 15.86 -0.80
N SER A 169 -12.02 16.29 -0.23
CA SER A 169 -13.07 16.99 -0.98
C SER A 169 -13.48 16.23 -2.24
N CYS A 170 -13.63 14.91 -2.13
CA CYS A 170 -14.07 14.14 -3.29
C CYS A 170 -15.58 14.17 -3.40
N LYS A 171 -16.08 14.28 -4.64
CA LYS A 171 -17.51 14.31 -4.92
C LYS A 171 -18.05 12.95 -5.29
N CYS A 172 -17.20 11.97 -5.55
CA CYS A 172 -17.64 10.63 -5.94
C CYS A 172 -16.89 9.62 -5.10
N LEU A 173 -17.64 8.64 -4.58
CA LEU A 173 -17.11 7.57 -3.74
C LEU A 173 -17.50 6.24 -4.36
N ILE A 174 -16.52 5.37 -4.58
CA ILE A 174 -16.75 4.01 -5.07
C ILE A 174 -16.67 3.07 -3.87
N THR A 175 -17.71 2.28 -3.66
CA THR A 175 -17.77 1.41 -2.49
C THR A 175 -18.60 0.17 -2.87
N ALA A 176 -18.94 -0.63 -1.86
CA ALA A 176 -19.59 -1.91 -2.07
C ALA A 176 -20.61 -2.14 -0.96
N ASP A 177 -21.54 -3.06 -1.22
CA ASP A 177 -22.55 -3.40 -0.22
C ASP A 177 -21.92 -4.00 1.04
N ALA A 178 -21.09 -5.03 0.88
CA ALA A 178 -20.56 -5.83 1.99
C ALA A 178 -19.45 -6.74 1.49
N PHE A 179 -18.84 -7.48 2.42
CA PHE A 179 -17.85 -8.50 2.08
C PHE A 179 -17.66 -9.39 3.31
N GLN A 180 -16.98 -10.52 3.10
CA GLN A 180 -16.72 -11.51 4.14
C GLN A 180 -15.29 -11.35 4.66
N ARG A 181 -15.14 -11.28 5.98
CA ARG A 181 -13.84 -11.41 6.63
C ARG A 181 -13.98 -12.45 7.73
N GLY A 182 -13.16 -13.50 7.68
CA GLY A 182 -13.40 -14.60 8.58
C GLY A 182 -14.78 -15.14 8.33
N GLY A 183 -15.45 -15.57 9.39
CA GLY A 183 -16.81 -16.06 9.23
C GLY A 183 -17.78 -14.99 8.74
N LYS A 184 -17.60 -13.75 9.19
CA LYS A 184 -18.69 -12.78 9.30
C LYS A 184 -18.73 -11.75 8.16
N THR A 185 -19.94 -11.24 7.92
CA THR A 185 -20.18 -10.22 6.91
C THR A 185 -19.90 -8.83 7.47
N ILE A 186 -19.18 -8.01 6.72
CA ILE A 186 -18.83 -6.65 7.12
C ILE A 186 -19.76 -5.68 6.41
N PRO A 187 -20.59 -4.91 7.12
CA PRO A 187 -21.57 -4.01 6.47
C PRO A 187 -20.92 -2.73 5.93
N LEU A 188 -20.27 -2.87 4.77
CA LEU A 188 -19.44 -1.79 4.24
C LEU A 188 -20.28 -0.61 3.78
N LYS A 189 -21.44 -0.89 3.17
CA LYS A 189 -22.29 0.16 2.61
C LYS A 189 -22.90 1.02 3.71
N LYS A 190 -23.30 0.40 4.83
CA LYS A 190 -23.81 1.18 5.95
C LYS A 190 -22.76 2.17 6.45
N GLN A 191 -21.50 1.73 6.53
CA GLN A 191 -20.45 2.63 7.00
C GLN A 191 -20.20 3.76 6.01
N ALA A 192 -20.25 3.47 4.70
CA ALA A 192 -20.15 4.53 3.70
C ALA A 192 -21.29 5.53 3.84
N ASP A 193 -22.53 5.05 4.04
CA ASP A 193 -23.68 5.94 4.17
C ASP A 193 -23.53 6.86 5.38
N GLU A 194 -23.16 6.28 6.53
CA GLU A 194 -22.91 7.09 7.72
C GLU A 194 -21.86 8.16 7.45
N ALA A 195 -20.77 7.78 6.76
CA ALA A 195 -19.71 8.73 6.46
C ALA A 195 -20.15 9.83 5.50
N SER A 196 -21.15 9.61 4.65
CA SER A 196 -21.48 10.51 3.56
C SER A 196 -22.70 11.37 3.85
N VAL A 197 -23.28 11.28 5.04
CA VAL A 197 -24.57 11.89 5.36
C VAL A 197 -24.66 13.35 4.94
N ASP A 198 -23.86 14.22 5.57
CA ASP A 198 -23.99 15.66 5.33
C ASP A 198 -23.05 16.13 4.23
N LEU A 199 -22.56 15.22 3.42
CA LEU A 199 -21.68 15.55 2.30
C LEU A 199 -22.44 15.39 0.99
N ASN A 200 -21.92 16.01 -0.06
CA ASN A 200 -22.58 15.95 -1.35
C ASN A 200 -21.77 15.01 -2.23
N ILE A 201 -22.00 13.72 -2.01
CA ILE A 201 -21.22 12.66 -2.61
C ILE A 201 -22.13 11.81 -3.47
N THR A 202 -21.68 11.51 -4.69
CA THR A 202 -22.32 10.50 -5.53
C THR A 202 -21.61 9.18 -5.27
N LYS A 203 -22.38 8.14 -4.96
CA LYS A 203 -21.84 6.81 -4.67
C LYS A 203 -22.03 5.91 -5.89
N LEU A 204 -20.96 5.24 -6.29
CA LEU A 204 -21.03 4.12 -7.21
C LEU A 204 -20.81 2.86 -6.38
N VAL A 205 -21.77 1.94 -6.39
CA VAL A 205 -21.81 0.80 -5.48
C VAL A 205 -21.67 -0.50 -6.28
N VAL A 206 -20.70 -1.32 -5.89
CA VAL A 206 -20.53 -2.67 -6.40
C VAL A 206 -21.35 -3.63 -5.55
N LYS A 207 -22.16 -4.47 -6.20
CA LYS A 207 -22.90 -5.52 -5.50
C LYS A 207 -21.95 -6.70 -5.30
N ASN A 208 -21.45 -6.86 -4.07
CA ASN A 208 -20.55 -7.95 -3.74
C ASN A 208 -21.25 -9.08 -2.99
N SER A 209 -22.58 -9.00 -2.83
CA SER A 209 -23.37 -10.04 -2.19
C SER A 209 -24.44 -10.54 -3.15
N ASN A 210 -24.86 -11.79 -2.95
CA ASN A 210 -26.06 -12.31 -3.60
C ASN A 210 -27.33 -11.78 -2.95
N ALA A 211 -27.22 -11.03 -1.85
CA ALA A 211 -28.33 -10.52 -1.06
C ALA A 211 -28.82 -9.20 -1.62
N PRO A 212 -30.14 -9.02 -1.66
CA PRO A 212 -30.69 -7.74 -2.12
C PRO A 212 -30.24 -6.58 -1.25
N THR A 213 -30.13 -5.41 -1.88
CA THR A 213 -29.76 -4.17 -1.22
C THR A 213 -30.56 -3.04 -1.88
N ALA A 214 -30.99 -2.07 -1.07
CA ALA A 214 -31.78 -0.94 -1.54
C ALA A 214 -30.97 0.34 -1.43
N LEU A 215 -30.85 1.06 -2.54
CA LEU A 215 -30.09 2.29 -2.60
C LEU A 215 -31.01 3.51 -2.65
N ASN A 216 -30.46 4.66 -2.31
CA ASN A 216 -31.09 5.94 -2.62
C ASN A 216 -30.77 6.28 -4.06
N LYS A 217 -31.78 6.19 -4.94
CA LYS A 217 -31.54 6.29 -6.38
C LYS A 217 -31.01 7.65 -6.79
N ASN A 218 -31.21 8.69 -5.97
CA ASN A 218 -30.83 10.04 -6.36
C ASN A 218 -29.32 10.20 -6.47
N LYS A 219 -28.58 9.76 -5.43
CA LYS A 219 -27.16 10.01 -5.34
C LYS A 219 -26.30 8.76 -5.42
N GLU A 220 -26.92 7.58 -5.54
CA GLU A 220 -26.22 6.31 -5.47
C GLU A 220 -26.59 5.44 -6.66
N HIS A 221 -25.60 4.74 -7.22
CA HIS A 221 -25.81 3.97 -8.43
C HIS A 221 -25.17 2.59 -8.30
N TRP A 222 -25.86 1.59 -8.84
CA TRP A 222 -25.31 0.24 -8.92
C TRP A 222 -24.32 0.14 -10.08
N TRP A 223 -23.15 -0.42 -9.78
CA TRP A 223 -22.12 -0.57 -10.82
C TRP A 223 -22.59 -1.48 -11.95
N HIS A 224 -23.22 -2.61 -11.60
CA HIS A 224 -23.64 -3.57 -12.62
C HIS A 224 -24.77 -3.02 -13.51
N GLU A 225 -25.41 -1.93 -13.11
CA GLU A 225 -26.41 -1.29 -13.97
C GLU A 225 -25.78 -0.23 -14.86
N LEU A 226 -25.01 0.69 -14.27
CA LEU A 226 -24.43 1.78 -15.06
C LEU A 226 -23.41 1.27 -16.09
N LYS A 227 -22.76 0.13 -15.80
CA LYS A 227 -21.82 -0.44 -16.75
C LYS A 227 -22.50 -0.75 -18.08
N GLN A 228 -23.80 -1.03 -18.05
CA GLN A 228 -24.54 -1.29 -19.28
C GLN A 228 -24.90 -0.02 -20.03
N THR A 229 -24.77 1.16 -19.43
CA THR A 229 -25.15 2.40 -20.10
C THR A 229 -24.01 3.05 -20.89
N VAL A 230 -22.80 2.47 -20.87
CA VAL A 230 -21.64 3.12 -21.45
C VAL A 230 -20.89 2.17 -22.37
N SER A 231 -20.05 2.75 -23.23
CA SER A 231 -19.22 2.02 -24.17
C SER A 231 -18.05 1.32 -23.44
N ASP A 232 -17.49 0.32 -24.10
CA ASP A 232 -16.35 -0.42 -23.59
C ASP A 232 -15.02 0.09 -24.13
N GLN A 233 -15.03 1.20 -24.86
CA GLN A 233 -13.82 1.84 -25.35
C GLN A 233 -13.72 3.21 -24.70
N CYS A 234 -12.54 3.54 -24.17
CA CYS A 234 -12.31 4.85 -23.55
C CYS A 234 -10.87 5.25 -23.82
N THR A 235 -10.69 6.39 -24.45
CA THR A 235 -9.36 6.85 -24.79
C THR A 235 -8.63 7.26 -23.51
N PRO A 236 -7.46 6.72 -23.23
CA PRO A 236 -6.75 7.12 -22.01
C PRO A 236 -6.28 8.56 -22.08
N GLU A 237 -6.39 9.26 -20.96
CA GLU A 237 -5.92 10.64 -20.89
C GLU A 237 -4.41 10.68 -21.12
N PRO A 238 -3.92 11.59 -21.97
CA PRO A 238 -2.48 11.85 -22.01
C PRO A 238 -2.07 12.67 -20.80
N MET A 239 -1.45 12.03 -19.81
CA MET A 239 -1.20 12.65 -18.52
C MET A 239 0.22 13.18 -18.46
N ASN A 240 0.39 14.32 -17.81
CA ASN A 240 1.73 14.80 -17.50
C ASN A 240 2.36 13.90 -16.44
N THR A 241 3.69 13.81 -16.47
CA THR A 241 4.38 12.96 -15.52
C THR A 241 4.21 13.46 -14.09
N GLU A 242 3.99 14.76 -13.90
CA GLU A 242 3.81 15.33 -12.57
C GLU A 242 2.36 15.58 -12.22
N ASP A 243 1.41 15.13 -13.04
CA ASP A 243 0.03 15.15 -12.62
C ASP A 243 -0.12 14.21 -11.42
N PRO A 244 -0.91 14.57 -10.42
CA PRO A 244 -1.13 13.64 -9.32
C PRO A 244 -1.82 12.38 -9.81
N LEU A 245 -1.33 11.24 -9.34
CA LEU A 245 -1.96 9.95 -9.59
C LEU A 245 -2.88 9.52 -8.45
N PHE A 246 -2.45 9.71 -7.19
CA PHE A 246 -3.27 9.30 -6.07
C PHE A 246 -2.79 9.97 -4.78
N ILE A 247 -3.67 9.93 -3.78
CA ILE A 247 -3.39 10.41 -2.43
C ILE A 247 -3.60 9.22 -1.48
N LEU A 248 -2.67 9.02 -0.55
CA LEU A 248 -2.81 8.03 0.50
C LEU A 248 -2.71 8.73 1.85
N TYR A 249 -3.78 8.66 2.65
CA TYR A 249 -3.72 9.26 3.98
C TYR A 249 -2.90 8.35 4.87
N THR A 250 -1.86 8.91 5.49
CA THR A 250 -0.76 8.17 6.09
C THR A 250 -0.47 8.76 7.45
N SER A 251 -0.30 7.90 8.46
CA SER A 251 0.00 8.38 9.80
C SER A 251 1.43 8.91 9.87
N GLY A 252 1.60 10.01 10.63
CA GLY A 252 2.90 10.57 10.91
C GLY A 252 3.13 10.67 12.41
N SER A 253 4.32 11.14 12.77
CA SER A 253 4.67 11.15 14.19
C SER A 253 4.01 12.28 14.94
N THR A 254 3.62 13.35 14.26
CA THR A 254 2.79 14.41 14.82
C THR A 254 1.51 14.53 14.00
N GLY A 255 0.39 14.67 14.70
CA GLY A 255 -0.84 15.09 14.05
C GLY A 255 -1.60 13.99 13.35
N GLN A 256 -2.77 14.36 12.84
CA GLN A 256 -3.64 13.44 12.14
C GLN A 256 -2.99 13.00 10.82
N PRO A 257 -3.45 11.88 10.25
CA PRO A 257 -2.85 11.40 9.01
C PRO A 257 -2.90 12.45 7.91
N LYS A 258 -1.82 12.54 7.15
CA LYS A 258 -1.68 13.53 6.10
C LYS A 258 -1.78 12.86 4.75
N GLY A 259 -2.26 13.60 3.76
CA GLY A 259 -2.41 13.07 2.43
C GLY A 259 -1.12 13.10 1.64
N VAL A 260 -0.53 11.92 1.46
CA VAL A 260 0.72 11.74 0.74
C VAL A 260 0.41 11.67 -0.76
N VAL A 261 0.96 12.59 -1.53
CA VAL A 261 0.67 12.70 -2.96
C VAL A 261 1.77 12.04 -3.76
N HIS A 262 1.40 11.11 -4.62
CA HIS A 262 2.30 10.55 -5.61
C HIS A 262 1.86 11.03 -6.99
N THR A 263 2.84 11.28 -7.86
CA THR A 263 2.47 11.67 -9.20
C THR A 263 2.58 10.44 -10.11
N THR A 264 2.61 10.65 -11.42
CA THR A 264 2.34 9.60 -12.40
C THR A 264 3.59 8.97 -13.00
N GLY A 265 4.53 9.79 -13.49
CA GLY A 265 5.64 9.27 -14.25
C GLY A 265 6.65 8.50 -13.43
N GLY A 266 7.36 9.20 -12.53
CA GLY A 266 8.38 8.52 -11.75
C GLY A 266 7.82 7.40 -10.90
N TYR A 267 6.59 7.56 -10.41
CA TYR A 267 5.97 6.52 -9.59
C TYR A 267 5.88 5.21 -10.35
N LEU A 268 5.31 5.23 -11.56
CA LEU A 268 5.12 3.99 -12.28
C LEU A 268 6.46 3.40 -12.74
N VAL A 269 7.40 4.26 -13.16
CA VAL A 269 8.71 3.77 -13.58
C VAL A 269 9.34 2.93 -12.48
N GLN A 270 9.46 3.49 -11.26
CA GLN A 270 10.20 2.76 -10.22
C GLN A 270 9.38 1.65 -9.59
N ALA A 271 8.05 1.79 -9.49
CA ALA A 271 7.25 0.67 -9.01
C ALA A 271 7.42 -0.54 -9.94
N ALA A 272 7.36 -0.32 -11.25
CA ALA A 272 7.46 -1.44 -12.17
C ALA A 272 8.89 -1.99 -12.25
N TYR A 273 9.87 -1.10 -12.25
CA TYR A 273 11.26 -1.54 -12.34
C TYR A 273 11.64 -2.37 -11.11
N THR A 274 11.33 -1.86 -9.91
CA THR A 274 11.70 -2.61 -8.71
C THR A 274 10.93 -3.92 -8.61
N HIS A 275 9.69 -3.96 -9.10
CA HIS A 275 8.98 -5.24 -9.08
C HIS A 275 9.74 -6.28 -9.90
N GLN A 276 10.20 -5.92 -11.10
CA GLN A 276 10.92 -6.87 -11.93
C GLN A 276 12.30 -7.15 -11.36
N LEU A 277 12.98 -6.11 -10.86
CA LEU A 277 14.35 -6.26 -10.36
C LEU A 277 14.42 -7.20 -9.15
N ILE A 278 13.46 -7.08 -8.24
CA ILE A 278 13.48 -7.82 -6.98
C ILE A 278 12.85 -9.19 -7.14
N PHE A 279 11.76 -9.32 -7.91
CA PHE A 279 10.99 -10.56 -7.93
C PHE A 279 11.13 -11.38 -9.21
N ALA A 280 11.51 -10.76 -10.32
CA ALA A 280 11.92 -11.47 -11.54
C ALA A 280 10.87 -12.47 -12.03
N CYS A 281 9.59 -12.09 -11.96
CA CYS A 281 8.54 -12.95 -12.47
C CYS A 281 8.61 -13.06 -14.00
N GLN A 282 8.32 -14.26 -14.51
CA GLN A 282 8.16 -14.52 -15.94
C GLN A 282 6.69 -14.55 -16.29
N ASP A 283 6.40 -14.45 -17.60
CA ASP A 283 5.04 -14.29 -18.09
C ASP A 283 4.12 -15.42 -17.65
N ASN A 284 4.66 -16.56 -17.23
CA ASN A 284 3.87 -17.74 -16.88
C ASN A 284 3.70 -17.94 -15.39
N GLU A 285 4.15 -16.99 -14.56
CA GLU A 285 4.18 -17.17 -13.11
C GLU A 285 3.05 -16.40 -12.41
N VAL A 286 2.78 -16.79 -11.17
CA VAL A 286 1.75 -16.16 -10.35
C VAL A 286 2.41 -15.47 -9.17
N PHE A 287 2.14 -14.18 -9.01
CA PHE A 287 2.73 -13.36 -7.97
C PHE A 287 1.64 -12.99 -6.96
N TRP A 288 1.92 -13.20 -5.67
CA TRP A 288 0.94 -12.96 -4.63
C TRP A 288 1.56 -12.11 -3.51
N CYS A 289 1.24 -10.83 -3.53
CA CYS A 289 1.48 -9.94 -2.41
C CYS A 289 0.20 -9.81 -1.60
N THR A 290 0.31 -9.93 -0.27
CA THR A 290 -0.88 -10.03 0.56
C THR A 290 -1.37 -8.68 1.06
N ALA A 291 -0.70 -7.58 0.72
CA ALA A 291 -1.08 -6.28 1.25
C ALA A 291 -2.43 -5.84 0.71
N ASP A 292 -3.21 -5.19 1.58
CA ASP A 292 -4.46 -4.57 1.17
C ASP A 292 -4.17 -3.36 0.27
N VAL A 293 -5.12 -3.07 -0.64
CA VAL A 293 -5.01 -1.89 -1.49
C VAL A 293 -5.01 -0.61 -0.67
N GLY A 294 -5.50 -0.66 0.57
CA GLY A 294 -5.56 0.49 1.45
C GLY A 294 -4.22 1.01 1.91
N TRP A 295 -3.13 0.25 1.74
CA TRP A 295 -1.78 0.68 2.04
CA TRP A 295 -1.81 0.78 2.02
C TRP A 295 -0.94 0.76 0.77
N ILE A 296 0.23 1.40 0.90
CA ILE A 296 1.08 1.66 -0.26
C ILE A 296 1.53 0.36 -0.93
N THR A 297 1.84 -0.66 -0.12
CA THR A 297 2.26 -1.95 -0.66
C THR A 297 1.19 -2.53 -1.58
N GLY A 298 -0.09 -2.33 -1.24
CA GLY A 298 -1.16 -2.74 -2.14
C GLY A 298 -1.15 -1.96 -3.44
N HIS A 299 -0.82 -0.67 -3.38
CA HIS A 299 -0.73 0.15 -4.58
C HIS A 299 0.38 -0.36 -5.50
N SER A 300 1.58 -0.47 -4.97
CA SER A 300 2.76 -0.65 -5.80
C SER A 300 2.96 -2.11 -6.23
N TYR A 301 2.67 -3.07 -5.34
CA TYR A 301 3.04 -4.45 -5.61
C TYR A 301 1.87 -5.42 -5.61
N VAL A 302 0.63 -4.94 -5.59
CA VAL A 302 -0.53 -5.76 -5.91
C VAL A 302 -1.16 -5.34 -7.23
N VAL A 303 -1.36 -4.03 -7.43
CA VAL A 303 -2.02 -3.53 -8.62
C VAL A 303 -1.00 -3.04 -9.66
N TYR A 304 -0.34 -1.91 -9.37
CA TYR A 304 0.35 -1.18 -10.44
C TYR A 304 1.61 -1.89 -10.90
N GLY A 305 2.49 -2.28 -9.99
CA GLY A 305 3.74 -2.91 -10.36
C GLY A 305 3.57 -4.19 -11.18
N PRO A 306 2.79 -5.15 -10.66
CA PRO A 306 2.67 -6.42 -11.39
C PRO A 306 1.91 -6.29 -12.70
N LEU A 307 0.83 -5.50 -12.74
CA LEU A 307 0.05 -5.40 -13.97
C LEU A 307 0.78 -4.58 -15.03
N CYS A 308 1.53 -3.56 -14.62
CA CYS A 308 2.43 -2.87 -15.55
C CYS A 308 3.44 -3.84 -16.16
N ASN A 309 3.99 -4.76 -15.36
CA ASN A 309 4.93 -5.74 -15.88
C ASN A 309 4.24 -6.90 -16.60
N GLY A 310 2.92 -6.88 -16.74
CA GLY A 310 2.25 -7.95 -17.44
C GLY A 310 2.27 -9.27 -16.71
N ILE A 311 2.22 -9.23 -15.38
CA ILE A 311 2.36 -10.42 -14.53
C ILE A 311 1.06 -10.66 -13.78
N THR A 312 0.64 -11.93 -13.75
CA THR A 312 -0.55 -12.33 -13.01
C THR A 312 -0.38 -12.06 -11.52
N THR A 313 -1.30 -11.26 -10.95
CA THR A 313 -1.27 -10.88 -9.54
C THR A 313 -2.50 -11.43 -8.83
N LEU A 314 -2.34 -11.80 -7.55
CA LEU A 314 -3.40 -12.50 -6.82
C LEU A 314 -3.95 -11.62 -5.71
N MET A 315 -5.27 -11.57 -5.63
CA MET A 315 -6.02 -10.78 -4.65
C MET A 315 -6.83 -11.73 -3.79
N PHE A 316 -6.62 -11.66 -2.47
CA PHE A 316 -7.30 -12.52 -1.50
C PHE A 316 -8.17 -11.64 -0.61
N GLU A 317 -9.43 -12.05 -0.45
CA GLU A 317 -10.40 -11.23 0.28
C GLU A 317 -10.24 -11.34 1.80
N GLY A 318 -9.82 -12.50 2.30
CA GLY A 318 -9.91 -12.84 3.71
C GLY A 318 -8.61 -12.66 4.46
N ILE A 319 -8.41 -13.53 5.46
CA ILE A 319 -7.31 -13.39 6.42
C ILE A 319 -6.56 -14.72 6.50
N PRO A 320 -5.30 -14.71 6.95
CA PRO A 320 -4.48 -15.93 6.90
C PRO A 320 -4.92 -17.03 7.85
N THR A 321 -5.91 -16.82 8.72
CA THR A 321 -6.26 -17.83 9.71
C THR A 321 -7.70 -18.33 9.58
N TRP A 322 -8.36 -18.06 8.45
CA TRP A 322 -9.73 -18.51 8.28
C TRP A 322 -9.87 -19.27 6.97
N PRO A 323 -10.39 -20.50 6.99
CA PRO A 323 -10.92 -21.15 8.20
C PRO A 323 -9.87 -21.62 9.21
N ASP A 324 -8.60 -21.67 8.84
CA ASP A 324 -7.58 -22.12 9.77
C ASP A 324 -6.23 -21.62 9.30
N ALA A 325 -5.19 -21.90 10.10
CA ALA A 325 -3.84 -21.37 9.90
C ALA A 325 -3.12 -21.99 8.71
N ALA A 326 -3.77 -22.89 7.97
CA ALA A 326 -3.22 -23.42 6.73
C ALA A 326 -3.74 -22.70 5.49
N ARG A 327 -4.53 -21.63 5.65
CA ARG A 327 -5.22 -21.07 4.50
C ARG A 327 -4.26 -20.59 3.42
N ASN A 328 -3.20 -19.86 3.82
CA ASN A 328 -2.27 -19.30 2.83
C ASN A 328 -1.69 -20.38 1.93
N TRP A 329 -1.34 -21.54 2.50
CA TRP A 329 -0.68 -22.59 1.71
C TRP A 329 -1.67 -23.32 0.83
N ARG A 330 -2.92 -23.43 1.28
CA ARG A 330 -3.97 -23.97 0.41
C ARG A 330 -4.19 -23.06 -0.79
N ILE A 331 -4.10 -21.74 -0.59
CA ILE A 331 -4.21 -20.80 -1.71
C ILE A 331 -2.98 -20.91 -2.62
N ILE A 332 -1.79 -21.02 -2.02
CA ILE A 332 -0.56 -21.13 -2.79
C ILE A 332 -0.56 -22.41 -3.64
N ASP A 333 -1.08 -23.51 -3.09
CA ASP A 333 -1.17 -24.73 -3.88
C ASP A 333 -2.31 -24.67 -4.90
N LYS A 334 -3.43 -24.06 -4.52
CA LYS A 334 -4.60 -24.01 -5.40
C LYS A 334 -4.27 -23.27 -6.70
N HIS A 335 -3.53 -22.16 -6.60
CA HIS A 335 -3.23 -21.33 -7.75
C HIS A 335 -1.78 -21.41 -8.20
N GLN A 336 -0.97 -22.29 -7.59
CA GLN A 336 0.43 -22.47 -7.96
C GLN A 336 1.19 -21.14 -7.85
N VAL A 337 1.02 -20.45 -6.72
CA VAL A 337 1.73 -19.22 -6.48
C VAL A 337 3.23 -19.48 -6.52
N ASN A 338 3.98 -18.64 -7.25
CA ASN A 338 5.41 -18.82 -7.33
C ASN A 338 6.20 -17.83 -6.48
N VAL A 339 5.71 -16.60 -6.32
CA VAL A 339 6.34 -15.59 -5.48
C VAL A 339 5.32 -15.14 -4.44
N PHE A 340 5.74 -15.07 -3.18
CA PHE A 340 4.84 -14.81 -2.07
C PHE A 340 5.45 -13.73 -1.20
N TYR A 341 4.71 -12.63 -1.04
CA TYR A 341 5.23 -11.37 -0.50
C TYR A 341 4.25 -10.93 0.59
N THR A 342 4.67 -11.05 1.85
CA THR A 342 3.76 -10.82 2.95
C THR A 342 4.51 -10.08 4.06
N ALA A 343 3.85 -9.93 5.21
CA ALA A 343 4.28 -9.09 6.33
C ALA A 343 4.73 -9.95 7.50
N PRO A 344 5.74 -9.52 8.25
CA PRO A 344 6.19 -10.32 9.41
C PRO A 344 5.14 -10.51 10.48
N THR A 345 4.16 -9.61 10.60
CA THR A 345 3.06 -9.83 11.54
C THR A 345 2.31 -11.11 11.20
N ALA A 346 2.02 -11.32 9.92
CA ALA A 346 1.38 -12.54 9.49
C ALA A 346 2.27 -13.77 9.70
N ILE A 347 3.58 -13.62 9.45
CA ILE A 347 4.52 -14.73 9.67
C ILE A 347 4.51 -15.16 11.14
N ARG A 348 4.64 -14.20 12.07
CA ARG A 348 4.71 -14.55 13.49
C ARG A 348 3.41 -15.14 14.00
N SER A 349 2.25 -14.71 13.48
CA SER A 349 1.00 -15.24 14.00
C SER A 349 0.78 -16.67 13.52
N LEU A 350 1.17 -16.97 12.27
CA LEU A 350 1.06 -18.34 11.78
C LEU A 350 2.06 -19.26 12.47
N MET A 351 3.25 -18.76 12.79
CA MET A 351 4.17 -19.65 13.52
C MET A 351 3.78 -19.79 14.98
N ARG A 352 3.08 -18.80 15.55
CA ARG A 352 2.47 -19.02 16.85
C ARG A 352 1.43 -20.14 16.79
N ALA A 353 0.74 -20.27 15.63
CA ALA A 353 -0.32 -21.26 15.51
C ALA A 353 0.22 -22.69 15.52
N GLY A 354 1.49 -22.89 15.19
CA GLY A 354 2.09 -24.21 15.22
C GLY A 354 2.48 -24.74 13.86
N ASP A 355 3.65 -25.39 13.78
CA ASP A 355 4.16 -25.97 12.54
C ASP A 355 3.23 -27.02 11.94
N GLN A 356 2.34 -27.61 12.74
CA GLN A 356 1.42 -28.62 12.23
C GLN A 356 0.58 -28.12 11.06
N TRP A 357 0.32 -26.82 11.00
CA TRP A 357 -0.50 -26.26 9.93
C TRP A 357 0.25 -26.17 8.60
N LEU A 358 1.54 -26.49 8.60
CA LEU A 358 2.36 -26.57 7.40
C LEU A 358 2.36 -27.96 6.78
N ASN A 359 1.71 -28.93 7.42
CA ASN A 359 1.86 -30.34 7.06
C ASN A 359 0.89 -30.79 5.98
N SER A 360 -0.21 -30.06 5.77
CA SER A 360 -1.20 -30.49 4.78
C SER A 360 -0.84 -30.06 3.36
N SER A 361 -0.01 -29.06 3.19
CA SER A 361 0.24 -28.47 1.87
C SER A 361 1.58 -28.93 1.30
N SER A 362 1.81 -28.55 0.04
CA SER A 362 3.03 -28.87 -0.70
C SER A 362 3.98 -27.68 -0.79
N ARG A 363 3.48 -26.52 -1.25
CA ARG A 363 4.24 -25.28 -1.39
C ARG A 363 5.39 -25.39 -2.39
N SER A 364 5.35 -26.39 -3.27
CA SER A 364 6.45 -26.61 -4.21
C SER A 364 6.47 -25.61 -5.35
N SER A 365 5.35 -24.95 -5.64
CA SER A 365 5.36 -23.94 -6.70
C SER A 365 6.14 -22.69 -6.29
N LEU A 366 6.36 -22.46 -5.00
CA LEU A 366 7.09 -21.29 -4.53
C LEU A 366 8.57 -21.35 -4.94
N ARG A 367 9.09 -20.23 -5.44
CA ARG A 367 10.53 -20.07 -5.61
C ARG A 367 11.10 -18.84 -4.90
N LEU A 368 10.26 -17.98 -4.34
CA LEU A 368 10.76 -16.74 -3.74
C LEU A 368 9.79 -16.26 -2.68
N LEU A 369 10.33 -15.90 -1.51
CA LEU A 369 9.60 -15.34 -0.39
C LEU A 369 10.01 -13.88 -0.18
N GLY A 370 9.04 -13.07 0.23
CA GLY A 370 9.27 -11.66 0.45
C GLY A 370 8.71 -11.23 1.78
N SER A 371 9.34 -10.20 2.35
CA SER A 371 8.94 -9.66 3.64
C SER A 371 8.95 -8.15 3.54
N VAL A 372 7.85 -7.50 3.95
CA VAL A 372 7.71 -6.03 3.90
C VAL A 372 6.97 -5.54 5.14
N GLY A 373 7.33 -4.35 5.61
CA GLY A 373 6.49 -3.58 6.50
C GLY A 373 7.02 -3.36 7.91
N GLU A 374 7.98 -4.16 8.34
CA GLU A 374 8.53 -4.10 9.69
C GLU A 374 9.78 -4.96 9.73
N PRO A 375 10.61 -4.79 10.75
CA PRO A 375 11.72 -5.73 10.92
C PRO A 375 11.21 -7.15 11.06
N ILE A 376 11.98 -8.10 10.54
CA ILE A 376 11.73 -9.52 10.74
C ILE A 376 12.88 -10.07 11.58
N ASN A 377 12.55 -10.59 12.74
CA ASN A 377 13.55 -11.09 13.66
C ASN A 377 14.08 -12.44 13.17
N PRO A 378 15.26 -12.84 13.62
CA PRO A 378 15.86 -14.08 13.09
C PRO A 378 15.00 -15.32 13.30
N GLU A 379 14.33 -15.45 14.46
CA GLU A 379 13.47 -16.61 14.69
C GLU A 379 12.39 -16.72 13.62
N ALA A 380 11.75 -15.59 13.27
CA ALA A 380 10.72 -15.61 12.23
C ALA A 380 11.32 -15.75 10.83
N TRP A 381 12.51 -15.19 10.61
CA TRP A 381 13.15 -15.35 9.31
C TRP A 381 13.49 -16.81 9.06
N ASN A 382 14.03 -17.49 10.09
CA ASN A 382 14.41 -18.89 9.95
C ASN A 382 13.18 -19.78 9.78
N TRP A 383 12.11 -19.51 10.52
CA TRP A 383 10.88 -20.26 10.31
C TRP A 383 10.34 -20.04 8.90
N TYR A 384 10.38 -18.80 8.41
CA TYR A 384 9.95 -18.50 7.04
C TYR A 384 10.81 -19.26 6.03
N HIS A 385 12.11 -19.24 6.23
CA HIS A 385 13.05 -19.83 5.28
C HIS A 385 13.02 -21.36 5.31
N GLN A 386 13.23 -21.95 6.50
CA GLN A 386 13.34 -23.41 6.59
C GLN A 386 11.99 -24.09 6.40
N LYS A 387 10.93 -23.53 6.99
CA LYS A 387 9.67 -24.26 7.10
C LYS A 387 8.73 -23.93 5.95
N VAL A 388 8.42 -22.65 5.76
CA VAL A 388 7.53 -22.26 4.66
C VAL A 388 8.19 -22.54 3.32
N GLY A 389 9.37 -21.97 3.08
CA GLY A 389 10.12 -22.17 1.86
C GLY A 389 10.83 -23.50 1.73
N GLN A 390 10.78 -24.35 2.76
CA GLN A 390 11.42 -25.66 2.76
C GLN A 390 12.91 -25.56 2.41
N GLY A 391 13.52 -24.42 2.75
CA GLY A 391 14.94 -24.20 2.53
C GLY A 391 15.34 -23.91 1.10
N LYS A 392 14.38 -23.77 0.18
CA LYS A 392 14.71 -23.67 -1.24
C LYS A 392 14.47 -22.28 -1.80
N CYS A 393 13.95 -21.34 -0.99
CA CYS A 393 13.54 -20.03 -1.46
C CYS A 393 14.38 -18.94 -0.80
N PRO A 394 14.98 -18.03 -1.57
CA PRO A 394 15.52 -16.79 -0.97
C PRO A 394 14.40 -15.97 -0.35
N ILE A 395 14.78 -15.12 0.59
CA ILE A 395 13.88 -14.19 1.25
C ILE A 395 14.34 -12.78 0.93
N VAL A 396 13.53 -12.03 0.19
CA VAL A 396 13.83 -10.64 -0.10
C VAL A 396 13.11 -9.78 0.94
N ASP A 397 13.89 -9.26 1.90
CA ASP A 397 13.42 -8.41 2.99
C ASP A 397 13.51 -6.95 2.53
N THR A 398 12.40 -6.43 2.00
CA THR A 398 12.40 -5.15 1.30
C THR A 398 12.02 -4.03 2.26
N TRP A 399 12.92 -3.07 2.45
CA TRP A 399 12.60 -1.86 3.20
C TRP A 399 12.21 -0.74 2.25
N TRP A 400 11.14 -0.02 2.62
CA TRP A 400 10.69 1.20 1.96
C TRP A 400 9.52 1.78 2.74
N GLN A 401 8.92 2.88 2.23
CA GLN A 401 7.84 3.58 2.92
C GLN A 401 6.83 4.13 1.92
N THR A 402 5.65 4.49 2.43
CA THR A 402 4.66 5.19 1.62
C THR A 402 5.29 6.32 0.85
N GLU A 403 6.15 7.10 1.52
CA GLU A 403 6.73 8.28 0.89
C GLU A 403 7.83 7.95 -0.11
N THR A 404 8.33 6.71 -0.14
CA THR A 404 9.28 6.37 -1.20
C THR A 404 8.59 5.79 -2.43
N GLY A 405 7.32 5.38 -2.31
CA GLY A 405 6.57 4.88 -3.44
C GLY A 405 6.93 3.49 -3.90
N ALA A 406 8.20 3.11 -3.75
CA ALA A 406 8.64 1.80 -4.22
C ALA A 406 9.78 1.30 -3.34
N ILE A 407 10.06 0.00 -3.49
CA ILE A 407 11.18 -0.65 -2.80
C ILE A 407 12.45 0.14 -2.96
N MET A 408 13.22 0.24 -1.87
CA MET A 408 14.45 1.04 -1.88
C MET A 408 15.69 0.24 -1.50
N ILE A 409 15.61 -0.60 -0.46
CA ILE A 409 16.72 -1.41 0.02
C ILE A 409 16.22 -2.84 0.16
N SER A 410 16.95 -3.79 -0.44
CA SER A 410 16.42 -5.14 -0.56
C SER A 410 17.48 -6.14 -1.03
N PRO A 411 17.49 -7.36 -0.48
CA PRO A 411 18.25 -8.44 -1.09
C PRO A 411 17.69 -8.78 -2.46
N ARG A 412 18.51 -9.40 -3.27
CA ARG A 412 18.07 -9.90 -4.57
C ARG A 412 17.89 -11.40 -4.49
N ALA A 413 16.95 -11.92 -5.30
CA ALA A 413 16.81 -13.36 -5.43
C ALA A 413 18.14 -14.01 -5.82
N SER A 414 18.88 -13.37 -6.73
CA SER A 414 20.17 -13.86 -7.20
C SER A 414 21.24 -13.90 -6.12
N ASP A 415 21.03 -13.23 -4.99
CA ASP A 415 22.07 -13.14 -3.99
C ASP A 415 22.10 -14.38 -3.12
N GLU A 416 23.30 -14.66 -2.59
CA GLU A 416 23.42 -15.69 -1.57
C GLU A 416 22.51 -15.36 -0.39
N VAL A 417 21.92 -16.39 0.21
CA VAL A 417 20.91 -16.23 1.24
C VAL A 417 21.65 -16.18 2.57
N ILE A 418 21.77 -14.98 3.15
CA ILE A 418 22.57 -14.72 4.35
C ILE A 418 21.88 -13.65 5.19
N LYS A 419 22.45 -13.37 6.37
CA LYS A 419 22.08 -12.28 7.27
C LYS A 419 20.57 -12.20 7.50
N PRO A 420 20.00 -13.10 8.30
CA PRO A 420 18.57 -12.99 8.65
C PRO A 420 18.30 -11.67 9.34
N GLY A 421 17.35 -10.92 8.78
CA GLY A 421 16.95 -9.64 9.34
C GLY A 421 17.57 -8.43 8.70
N SER A 422 18.47 -8.62 7.72
CA SER A 422 19.10 -7.52 7.01
C SER A 422 18.39 -7.25 5.68
N ALA A 423 18.13 -5.98 5.41
CA ALA A 423 17.63 -5.58 4.10
C ALA A 423 18.72 -5.47 3.04
N ARG A 424 19.99 -5.67 3.40
CA ARG A 424 21.13 -5.74 2.47
C ARG A 424 21.33 -4.36 1.82
N LYS A 425 21.38 -4.27 0.48
CA LYS A 425 21.89 -3.12 -0.24
C LYS A 425 20.77 -2.36 -0.93
N PRO A 426 20.95 -1.05 -1.13
CA PRO A 426 19.98 -0.28 -1.90
C PRO A 426 19.87 -0.85 -3.31
N ILE A 427 18.70 -0.63 -3.92
CA ILE A 427 18.53 -0.97 -5.32
C ILE A 427 19.41 -0.01 -6.13
N PRO A 428 19.69 -0.28 -7.41
CA PRO A 428 20.44 0.68 -8.22
C PRO A 428 19.68 1.99 -8.37
N GLY A 429 20.43 3.09 -8.43
CA GLY A 429 19.85 4.42 -8.55
C GLY A 429 19.40 5.05 -7.25
N ILE A 430 19.67 4.43 -6.10
CA ILE A 430 19.24 4.91 -4.80
C ILE A 430 20.47 5.04 -3.90
N VAL A 431 20.62 6.19 -3.25
CA VAL A 431 21.78 6.40 -2.39
C VAL A 431 21.32 6.65 -0.96
N PRO A 432 21.22 5.62 -0.13
CA PRO A 432 20.99 5.83 1.30
C PRO A 432 22.26 6.27 2.01
N LEU A 433 22.08 6.79 3.21
CA LEU A 433 23.20 7.13 4.08
C LEU A 433 22.69 7.05 5.51
N LEU A 434 23.63 7.14 6.45
CA LEU A 434 23.32 7.26 7.87
C LEU A 434 23.82 8.62 8.35
N LEU A 435 23.04 9.25 9.24
CA LEU A 435 23.44 10.50 9.88
C LEU A 435 23.58 10.27 11.38
N ASN A 436 24.55 10.95 11.98
CA ASN A 436 24.77 10.81 13.42
C ASN A 436 23.98 11.86 14.18
N GLU A 437 24.16 11.90 15.50
CA GLU A 437 23.36 12.79 16.33
C GLU A 437 23.62 14.26 16.03
N GLN A 438 24.79 14.59 15.50
CA GLN A 438 25.12 15.98 15.14
C GLN A 438 24.80 16.29 13.68
N GLY A 439 24.17 15.37 12.96
CA GLY A 439 23.72 15.60 11.60
C GLY A 439 24.72 15.29 10.50
N HIS A 440 25.81 14.60 10.81
CA HIS A 440 26.87 14.35 9.84
C HIS A 440 26.76 12.96 9.24
N GLU A 441 27.27 12.81 8.03
CA GLU A 441 27.16 11.57 7.28
C GLU A 441 28.18 10.55 7.81
N ILE A 442 27.70 9.37 8.19
CA ILE A 442 28.55 8.34 8.78
C ILE A 442 29.24 7.56 7.67
N ASN A 443 30.56 7.42 7.78
CA ASN A 443 31.39 6.76 6.76
C ASN A 443 31.70 5.34 7.19
N GLY A 444 31.41 4.38 6.31
CA GLY A 444 31.61 2.98 6.65
C GLY A 444 30.58 2.44 7.63
N ALA A 445 31.04 1.67 8.64
CA ALA A 445 30.15 0.93 9.52
C ALA A 445 29.75 1.78 10.71
N GLY A 446 28.46 1.77 11.01
CA GLY A 446 27.94 2.52 12.14
C GLY A 446 26.44 2.40 12.22
N GLU A 447 25.82 3.25 13.02
CA GLU A 447 24.38 3.33 13.03
C GLU A 447 23.94 4.73 13.38
N GLY A 448 22.70 5.03 13.02
CA GLY A 448 22.11 6.34 13.24
C GLY A 448 20.84 6.51 12.43
N LEU A 449 20.63 7.73 11.93
CA LEU A 449 19.41 8.08 11.22
C LEU A 449 19.51 7.70 9.75
N LEU A 450 18.54 6.93 9.28
CA LEU A 450 18.50 6.52 7.88
C LEU A 450 17.98 7.66 7.01
N ALA A 451 18.72 7.97 5.94
CA ALA A 451 18.35 9.06 5.05
C ALA A 451 18.61 8.63 3.61
N ILE A 452 18.09 9.42 2.66
CA ILE A 452 18.33 9.22 1.24
C ILE A 452 18.98 10.49 0.72
N LYS A 453 20.02 10.33 -0.11
CA LYS A 453 20.85 11.48 -0.46
C LYS A 453 20.33 12.25 -1.66
N TYR A 454 19.69 11.58 -2.61
CA TYR A 454 19.30 12.17 -3.88
C TYR A 454 17.86 11.83 -4.19
N PRO A 455 17.19 12.64 -5.02
CA PRO A 455 15.82 12.31 -5.39
C PRO A 455 15.75 11.02 -6.20
N TRP A 456 14.58 10.39 -6.15
CA TRP A 456 14.36 9.14 -6.86
C TRP A 456 12.99 9.23 -7.50
N PRO A 457 12.75 8.49 -8.58
CA PRO A 457 11.54 8.75 -9.38
C PRO A 457 10.21 8.56 -8.64
N SER A 458 10.09 7.60 -7.73
CA SER A 458 8.80 7.35 -7.10
C SER A 458 8.61 8.08 -5.77
N MET A 459 9.44 9.07 -5.45
CA MET A 459 9.27 9.78 -4.18
C MET A 459 7.95 10.53 -4.16
N ALA A 460 7.25 10.46 -3.02
CA ALA A 460 6.09 11.32 -2.82
C ALA A 460 6.49 12.77 -3.04
N ARG A 461 5.62 13.52 -3.72
CA ARG A 461 6.00 14.85 -4.16
C ARG A 461 5.56 15.97 -3.22
N THR A 462 4.50 15.78 -2.44
CA THR A 462 4.05 16.81 -1.52
C THR A 462 3.03 16.20 -0.55
N ILE A 463 2.55 17.02 0.37
CA ILE A 463 1.39 16.72 1.19
C ILE A 463 0.22 17.49 0.58
N ALA A 464 -0.90 16.81 0.34
CA ALA A 464 -2.04 17.47 -0.29
C ALA A 464 -2.41 18.74 0.48
N GLY A 465 -2.16 19.90 -0.12
CA GLY A 465 -2.57 21.17 0.44
C GLY A 465 -1.49 21.94 1.18
N ASP A 466 -0.46 21.27 1.72
CA ASP A 466 0.53 21.90 2.62
C ASP A 466 1.90 21.41 2.23
N HIS A 467 2.49 22.01 1.19
CA HIS A 467 3.83 21.62 0.78
C HIS A 467 4.87 22.04 1.82
N GLN A 468 4.57 23.05 2.62
CA GLN A 468 5.47 23.42 3.70
C GLN A 468 5.56 22.33 4.76
N ARG A 469 4.42 21.73 5.11
CA ARG A 469 4.44 20.61 6.06
C ARG A 469 5.20 19.44 5.48
N TYR A 470 5.17 19.26 4.16
CA TYR A 470 5.98 18.23 3.53
C TYR A 470 7.47 18.52 3.67
N CYS A 471 7.87 19.76 3.35
CA CYS A 471 9.29 20.11 3.44
C CYS A 471 9.79 20.03 4.87
N ASN A 472 9.04 20.60 5.82
CA ASN A 472 9.42 20.55 7.23
C ASN A 472 9.52 19.11 7.76
N THR A 473 8.72 18.20 7.21
CA THR A 473 8.61 16.85 7.77
C THR A 473 9.66 15.90 7.21
N TYR A 474 10.11 16.13 5.97
CA TYR A 474 10.91 15.14 5.25
C TYR A 474 12.26 15.64 4.78
N LEU A 475 12.50 16.95 4.71
CA LEU A 475 13.70 17.50 4.08
C LEU A 475 14.51 18.26 5.11
N SER A 476 15.76 17.85 5.29
CA SER A 476 16.67 18.48 6.26
C SER A 476 18.06 18.54 5.66
N ASN A 477 18.57 19.77 5.48
CA ASN A 477 19.95 20.02 5.05
C ASN A 477 20.31 19.23 3.78
N GLY A 478 19.35 19.17 2.85
CA GLY A 478 19.55 18.53 1.57
C GLY A 478 19.34 17.03 1.52
N TYR A 479 18.92 16.41 2.61
CA TYR A 479 18.63 14.98 2.66
C TYR A 479 17.15 14.73 2.89
N TYR A 480 16.70 13.56 2.46
CA TYR A 480 15.38 13.08 2.83
C TYR A 480 15.49 12.20 4.08
N ILE A 481 14.68 12.53 5.09
CA ILE A 481 14.74 11.91 6.41
C ILE A 481 13.66 10.84 6.50
N THR A 482 14.06 9.57 6.62
CA THR A 482 13.09 8.48 6.62
C THR A 482 12.28 8.40 7.93
N GLY A 483 12.85 8.86 9.04
CA GLY A 483 12.27 8.58 10.33
C GLY A 483 12.63 7.23 10.93
N ASP A 484 13.52 6.47 10.28
CA ASP A 484 13.96 5.18 10.78
C ASP A 484 15.41 5.26 11.24
N GLY A 485 15.75 4.46 12.25
CA GLY A 485 17.14 4.18 12.55
C GLY A 485 17.61 2.98 11.75
N ALA A 486 18.93 2.86 11.60
CA ALA A 486 19.49 1.70 10.92
C ALA A 486 20.94 1.52 11.32
N LYS A 487 21.42 0.28 11.18
CA LYS A 487 22.85 -0.01 11.17
C LYS A 487 23.28 -0.35 9.75
N ARG A 488 24.56 -0.14 9.48
CA ARG A 488 25.21 -0.61 8.26
C ARG A 488 26.51 -1.28 8.69
N ASP A 489 26.68 -2.54 8.30
CA ASP A 489 27.80 -3.33 8.77
C ASP A 489 29.00 -3.09 7.86
N GLU A 490 30.07 -3.86 8.06
CA GLU A 490 31.30 -3.70 7.30
C GLU A 490 31.15 -4.04 5.82
N ASP A 491 30.07 -4.69 5.41
CA ASP A 491 29.86 -5.03 4.01
C ASP A 491 28.95 -4.05 3.29
N GLY A 492 28.48 -3.02 3.97
CA GLY A 492 27.51 -2.13 3.38
C GLY A 492 26.07 -2.59 3.46
N ASP A 493 25.79 -3.68 4.17
CA ASP A 493 24.42 -4.17 4.32
C ASP A 493 23.71 -3.39 5.42
N TYR A 494 22.44 -3.08 5.18
CA TYR A 494 21.65 -2.27 6.09
C TYR A 494 20.82 -3.16 7.01
N TRP A 495 20.67 -2.72 8.26
CA TRP A 495 19.82 -3.38 9.26
C TRP A 495 18.87 -2.35 9.83
N ILE A 496 17.59 -2.43 9.47
CA ILE A 496 16.61 -1.43 9.88
C ILE A 496 16.09 -1.75 11.27
N THR A 497 16.26 -0.82 12.21
CA THR A 497 15.85 -1.07 13.58
C THR A 497 14.40 -0.67 13.86
N GLY A 498 13.87 0.31 13.14
CA GLY A 498 12.51 0.76 13.34
C GLY A 498 12.43 2.27 13.44
N ARG A 499 11.20 2.75 13.69
CA ARG A 499 10.96 4.18 13.76
C ARG A 499 11.72 4.79 14.93
N ILE A 500 12.49 5.85 14.66
CA ILE A 500 13.05 6.63 15.77
C ILE A 500 12.19 7.85 16.11
N ASP A 501 11.12 8.10 15.37
CA ASP A 501 10.15 9.12 15.74
C ASP A 501 8.99 8.48 16.50
N ASP A 502 7.83 9.12 16.52
CA ASP A 502 6.69 8.69 17.32
C ASP A 502 5.71 7.83 16.53
N VAL A 503 6.06 7.44 15.31
CA VAL A 503 5.18 6.62 14.48
C VAL A 503 5.19 5.20 15.01
N LEU A 504 4.02 4.58 15.05
CA LEU A 504 3.89 3.22 15.57
C LEU A 504 3.77 2.21 14.44
N ASN A 505 4.13 0.96 14.75
CA ASN A 505 3.94 -0.19 13.88
C ASN A 505 3.21 -1.23 14.72
N VAL A 506 1.91 -1.38 14.50
CA VAL A 506 1.06 -2.22 15.34
C VAL A 506 0.40 -3.25 14.46
N SER A 507 0.79 -4.52 14.62
CA SER A 507 0.30 -5.63 13.81
C SER A 507 0.47 -5.35 12.33
N GLY A 508 1.62 -4.78 11.98
CA GLY A 508 1.92 -4.45 10.60
C GLY A 508 1.44 -3.09 10.11
N HIS A 509 0.56 -2.42 10.85
CA HIS A 509 -0.02 -1.15 10.41
C HIS A 509 0.76 0.04 10.97
N ARG A 510 1.13 0.95 10.08
CA ARG A 510 1.70 2.23 10.49
C ARG A 510 0.60 3.11 11.08
N LEU A 511 0.76 3.52 12.35
CA LEU A 511 -0.24 4.29 13.07
C LEU A 511 0.40 5.49 13.77
N GLY A 512 -0.41 6.52 14.02
CA GLY A 512 0.03 7.70 14.74
C GLY A 512 -0.62 7.82 16.11
N THR A 513 0.10 8.39 17.06
CA THR A 513 -0.46 8.58 18.39
C THR A 513 -1.54 9.65 18.41
N ALA A 514 -1.51 10.59 17.46
CA ALA A 514 -2.45 11.71 17.53
C ALA A 514 -3.88 11.26 17.29
N GLU A 515 -4.11 10.34 16.35
CA GLU A 515 -5.48 9.90 16.13
C GLU A 515 -5.99 9.05 17.29
N ILE A 516 -5.12 8.25 17.92
CA ILE A 516 -5.54 7.50 19.09
C ILE A 516 -5.84 8.46 20.24
N GLU A 517 -4.99 9.47 20.43
CA GLU A 517 -5.17 10.40 21.54
C GLU A 517 -6.46 11.21 21.39
N SER A 518 -6.74 11.71 20.17
CA SER A 518 -7.95 12.51 20.01
C SER A 518 -9.21 11.66 20.05
N ALA A 519 -9.14 10.40 19.58
CA ALA A 519 -10.28 9.50 19.73
C ALA A 519 -10.58 9.23 21.20
N LEU A 520 -9.54 9.15 22.03
CA LEU A 520 -9.75 8.94 23.47
C LEU A 520 -10.34 10.19 24.12
N VAL A 521 -9.76 11.36 23.85
CA VAL A 521 -10.16 12.58 24.56
C VAL A 521 -11.53 13.09 24.12
N SER A 522 -12.00 12.73 22.92
CA SER A 522 -13.35 13.12 22.52
C SER A 522 -14.42 12.42 23.33
N HIS A 523 -14.05 11.40 24.12
CA HIS A 523 -14.97 10.86 25.10
C HIS A 523 -15.26 11.91 26.16
N PRO A 524 -16.50 11.99 26.66
CA PRO A 524 -16.84 13.07 27.61
C PRO A 524 -16.12 12.96 28.95
N LYS A 525 -15.80 11.75 29.40
CA LYS A 525 -15.13 11.58 30.69
C LYS A 525 -13.62 11.80 30.61
N VAL A 526 -13.05 11.84 29.41
CA VAL A 526 -11.61 11.93 29.21
C VAL A 526 -11.22 13.39 28.96
N ALA A 527 -10.21 13.86 29.68
CA ALA A 527 -9.68 15.21 29.53
C ALA A 527 -8.32 15.27 28.84
N GLU A 528 -7.47 14.26 29.00
CA GLU A 528 -6.15 14.25 28.39
C GLU A 528 -5.73 12.80 28.17
N ALA A 529 -4.93 12.57 27.14
CA ALA A 529 -4.50 11.22 26.80
C ALA A 529 -3.08 11.23 26.26
N GLY A 530 -2.37 10.14 26.49
CA GLY A 530 -1.01 10.00 26.01
C GLY A 530 -0.71 8.56 25.64
N VAL A 531 -0.51 8.31 24.36
CA VAL A 531 -0.37 6.96 23.81
C VAL A 531 1.08 6.73 23.40
N VAL A 532 1.59 5.55 23.73
CA VAL A 532 2.94 5.14 23.34
C VAL A 532 2.89 3.68 22.90
N GLY A 533 3.98 3.23 22.28
CA GLY A 533 4.13 1.86 21.85
C GLY A 533 5.14 1.12 22.72
N ILE A 534 4.76 -0.08 23.14
CA ILE A 534 5.66 -0.98 23.89
C ILE A 534 5.88 -2.25 23.07
N PRO A 535 7.02 -2.93 23.25
CA PRO A 535 7.26 -4.19 22.53
C PRO A 535 6.20 -5.25 22.83
N HIS A 536 5.77 -5.94 21.76
CA HIS A 536 4.80 -7.03 21.85
C HIS A 536 5.24 -8.08 20.86
N ASP A 537 5.30 -9.34 21.32
CA ASP A 537 5.94 -10.37 20.50
C ASP A 537 5.15 -10.62 19.21
N LEU A 538 3.82 -10.72 19.33
CA LEU A 538 3.02 -11.08 18.16
C LEU A 538 2.71 -9.86 17.30
N LYS A 539 2.44 -8.71 17.92
CA LYS A 539 2.05 -7.50 17.20
C LYS A 539 3.21 -6.61 16.80
N GLY A 540 4.42 -6.89 17.26
CA GLY A 540 5.53 -5.99 17.09
C GLY A 540 5.50 -4.89 18.14
N GLN A 541 4.46 -4.05 18.10
CA GLN A 541 4.18 -3.05 19.13
C GLN A 541 2.73 -3.18 19.56
N ALA A 542 2.50 -3.03 20.87
CA ALA A 542 1.17 -2.95 21.43
C ALA A 542 0.90 -1.51 21.88
N ILE A 543 -0.36 -1.09 21.79
CA ILE A 543 -0.75 0.29 22.01
C ILE A 543 -1.08 0.49 23.49
N PHE A 544 -0.25 1.28 24.17
CA PHE A 544 -0.41 1.59 25.59
C PHE A 544 -0.85 3.05 25.72
N ALA A 545 -1.99 3.27 26.37
CA ALA A 545 -2.57 4.60 26.48
C ALA A 545 -2.67 5.01 27.93
N TYR A 546 -2.17 6.20 28.24
CA TYR A 546 -2.34 6.83 29.55
C TYR A 546 -3.51 7.81 29.44
N VAL A 547 -4.51 7.64 30.28
CA VAL A 547 -5.77 8.36 30.17
C VAL A 547 -6.04 9.10 31.48
N ILE A 548 -6.19 10.42 31.40
CA ILE A 548 -6.46 11.27 32.55
C ILE A 548 -7.95 11.59 32.53
N LEU A 549 -8.74 10.85 33.31
CA LEU A 549 -10.19 11.00 33.34
C LEU A 549 -10.61 12.35 33.93
N PRO A 555 -13.88 5.38 36.78
CA PRO A 555 -12.53 4.84 36.91
C PRO A 555 -12.53 3.31 37.08
N ASP A 556 -13.19 2.60 36.18
CA ASP A 556 -13.42 1.16 36.32
C ASP A 556 -12.92 0.43 35.08
N ALA A 557 -13.04 -0.91 35.13
CA ALA A 557 -12.77 -1.73 33.96
C ALA A 557 -13.88 -1.65 32.92
N GLU A 558 -15.11 -1.31 33.34
CA GLU A 558 -16.19 -1.05 32.39
C GLU A 558 -15.82 0.11 31.46
N LEU A 559 -15.14 1.12 32.00
CA LEU A 559 -14.75 2.27 31.19
C LEU A 559 -13.56 1.97 30.28
N GLN A 560 -12.68 1.06 30.70
CA GLN A 560 -11.60 0.62 29.82
C GLN A 560 -12.15 -0.01 28.54
N THR A 561 -13.24 -0.77 28.65
CA THR A 561 -13.83 -1.41 27.48
C THR A 561 -14.48 -0.40 26.55
N GLU A 562 -15.27 0.53 27.11
CA GLU A 562 -15.90 1.56 26.30
C GLU A 562 -14.87 2.51 25.70
N LEU A 563 -13.75 2.73 26.38
CA LEU A 563 -12.69 3.57 25.81
C LEU A 563 -11.93 2.84 24.72
N MET A 564 -11.76 1.52 24.83
CA MET A 564 -11.26 0.75 23.71
C MET A 564 -12.28 0.72 22.58
N GLU A 565 -13.57 0.64 22.94
CA GLU A 565 -14.63 0.73 21.94
C GLU A 565 -14.61 2.07 21.22
N ARG A 566 -14.32 3.14 21.96
CA ARG A 566 -14.27 4.46 21.32
C ARG A 566 -13.20 4.50 20.24
N VAL A 567 -12.04 3.89 20.48
CA VAL A 567 -10.97 3.98 19.50
C VAL A 567 -11.30 3.14 18.27
N LYS A 568 -11.86 1.94 18.47
CA LYS A 568 -12.25 1.10 17.33
C LYS A 568 -13.26 1.81 16.43
N ASP A 569 -14.26 2.47 17.03
CA ASP A 569 -15.29 3.15 16.26
C ASP A 569 -14.79 4.44 15.64
N GLN A 570 -13.77 5.08 16.20
CA GLN A 570 -13.22 6.29 15.61
C GLN A 570 -12.26 5.97 14.47
N ILE A 571 -11.46 4.93 14.63
CA ILE A 571 -10.38 4.62 13.69
C ILE A 571 -10.62 3.26 13.06
N SER A 572 -10.13 2.21 13.71
CA SER A 572 -10.33 0.83 13.27
C SER A 572 -10.03 -0.09 14.44
N ALA A 573 -10.40 -1.37 14.27
CA ALA A 573 -10.03 -2.36 15.28
C ALA A 573 -8.52 -2.42 15.47
N ILE A 574 -7.75 -2.19 14.40
CA ILE A 574 -6.29 -2.32 14.46
C ILE A 574 -5.67 -1.33 15.43
N ALA A 575 -6.33 -0.20 15.67
CA ALA A 575 -5.83 0.88 16.52
C ALA A 575 -6.29 0.76 17.98
N LYS A 576 -7.08 -0.25 18.31
CA LYS A 576 -7.64 -0.37 19.66
C LYS A 576 -6.51 -0.51 20.67
N PRO A 577 -6.50 0.29 21.74
CA PRO A 577 -5.40 0.20 22.72
C PRO A 577 -5.40 -1.15 23.42
N ASP A 578 -4.21 -1.69 23.60
CA ASP A 578 -4.06 -2.97 24.26
C ASP A 578 -3.97 -2.85 25.77
N VAL A 579 -3.66 -1.66 26.28
CA VAL A 579 -3.59 -1.40 27.71
C VAL A 579 -4.00 0.04 27.96
N ILE A 580 -4.96 0.23 28.88
CA ILE A 580 -5.43 1.56 29.26
C ILE A 580 -5.07 1.77 30.72
N GLN A 581 -4.20 2.76 30.96
CA GLN A 581 -3.64 3.06 32.28
C GLN A 581 -4.19 4.42 32.72
N PHE A 582 -5.05 4.42 33.74
CA PHE A 582 -5.68 5.64 34.22
C PHE A 582 -4.72 6.44 35.10
N ALA A 583 -4.59 7.73 34.80
CA ALA A 583 -3.72 8.62 35.57
C ALA A 583 -4.50 9.80 36.16
#